data_1AEQ
#
_entry.id   1AEQ
#
_cell.length_a   108.000
_cell.length_b   77.300
_cell.length_c   51.800
_cell.angle_alpha   90.00
_cell.angle_beta   90.00
_cell.angle_gamma   90.00
#
_symmetry.space_group_name_H-M   'P 21 21 21'
#
loop_
_entity.id
_entity.type
_entity.pdbx_description
1 polymer 'CYTOCHROME C PEROXIDASE'
2 non-polymer 'PROTOPORPHYRIN IX CONTAINING FE'
3 non-polymer 2-ETHYLIMIDAZOLE
4 water water
#
_entity_poly.entity_id   1
_entity_poly.type   'polypeptide(L)'
_entity_poly.pdbx_seq_one_letter_code
;MKTLVHVASVEKGRSYEDFQKVYNAIALKLREDDEYDNYIGYGPVLVRLAWHISGTWDKHDNTGGSYGGTYRFKKEFNDP
SNAGLQNGFKFLEPIHKEFPWISSGDLFSLGGVTAVQEMQGPKIPWRCGRVDTPEDTTPDNGRLPDADKDAGYVRTFFQR
LNMNDREVVALMGAHALGKTHLKNSGYEGPGGAANNVFTNEFYLNLLNEDWKLEKNDANNEQWDSKSGYMMLPTDYSLIQ
DPKYLSIVKEYANDQDKFFKDFSKAFEKLLEDGITFPKDAPSPFIFKTLEEQGL
;
_entity_poly.pdbx_strand_id   A
#
loop_
_chem_comp.id
_chem_comp.type
_chem_comp.name
_chem_comp.formula
2EZ non-polymer 2-ETHYLIMIDAZOLE 'C5 H8 N2'
HEM non-polymer 'PROTOPORPHYRIN IX CONTAINING FE' 'C34 H32 Fe N4 O4'
#
# COMPACT_ATOMS: atom_id res chain seq x y z
N LEU A 4 -9.36 -15.25 17.34
CA LEU A 4 -8.73 -13.98 17.68
C LEU A 4 -9.59 -12.75 17.49
N VAL A 5 -9.94 -12.01 18.54
CA VAL A 5 -10.73 -10.80 18.35
C VAL A 5 -9.85 -9.60 18.65
N HIS A 6 -9.96 -8.60 17.80
CA HIS A 6 -9.15 -7.40 17.93
C HIS A 6 -10.06 -6.20 17.92
N VAL A 7 -10.25 -5.62 19.10
CA VAL A 7 -11.17 -4.50 19.16
C VAL A 7 -10.44 -3.16 19.15
N ALA A 8 -10.87 -2.33 18.22
CA ALA A 8 -10.37 -0.98 18.08
C ALA A 8 -10.60 -0.12 19.33
N SER A 9 -9.54 0.46 19.91
CA SER A 9 -9.60 1.31 21.09
C SER A 9 -9.04 2.71 20.81
N VAL A 10 -9.86 3.77 20.69
CA VAL A 10 -9.33 5.11 20.38
C VAL A 10 -8.31 5.55 21.43
N GLU A 11 -7.15 6.00 20.94
CA GLU A 11 -6.11 6.59 21.81
C GLU A 11 -6.73 7.62 22.79
N LYS A 12 -6.38 7.58 24.08
CA LYS A 12 -7.14 8.37 25.06
C LYS A 12 -7.33 9.86 24.83
N GLY A 13 -8.60 10.16 24.71
CA GLY A 13 -9.05 11.54 24.56
C GLY A 13 -8.75 12.15 23.21
N ARG A 14 -8.16 11.40 22.28
CA ARG A 14 -7.90 11.94 20.94
C ARG A 14 -9.13 12.02 20.04
N SER A 15 -9.21 12.98 19.15
CA SER A 15 -10.32 13.12 18.19
C SER A 15 -9.80 13.52 16.79
N TYR A 16 -10.64 13.86 15.82
CA TYR A 16 -10.22 14.26 14.50
C TYR A 16 -9.05 15.23 14.37
N GLU A 17 -9.07 16.29 15.15
CA GLU A 17 -8.03 17.33 15.06
C GLU A 17 -6.62 16.85 15.38
N ASP A 18 -6.51 15.87 16.29
CA ASP A 18 -5.22 15.29 16.66
C ASP A 18 -4.59 14.52 15.52
N PHE A 19 -5.40 13.71 14.87
CA PHE A 19 -4.95 12.89 13.74
C PHE A 19 -4.70 13.74 12.50
N GLN A 20 -5.48 14.80 12.29
CA GLN A 20 -5.21 15.74 11.21
C GLN A 20 -3.87 16.43 11.45
N LYS A 21 -3.46 16.64 12.71
CA LYS A 21 -2.12 17.15 12.99
C LYS A 21 -1.03 16.14 12.60
N VAL A 22 -1.23 14.85 12.90
CA VAL A 22 -0.29 13.82 12.47
C VAL A 22 -0.26 13.70 10.93
N TYR A 23 -1.40 13.65 10.23
CA TYR A 23 -1.48 13.75 8.78
C TYR A 23 -0.61 14.90 8.22
N ASN A 24 -0.89 16.14 8.67
CA ASN A 24 -0.14 17.30 8.23
C ASN A 24 1.34 17.19 8.47
N ALA A 25 1.77 16.59 9.57
CA ALA A 25 3.19 16.37 9.81
C ALA A 25 3.85 15.46 8.77
N ILE A 26 3.23 14.31 8.49
CA ILE A 26 3.69 13.37 7.45
C ILE A 26 3.72 14.07 6.07
N ALA A 27 2.63 14.74 5.70
CA ALA A 27 2.50 15.47 4.44
C ALA A 27 3.48 16.61 4.23
N LEU A 28 3.82 17.30 5.31
CA LEU A 28 4.83 18.35 5.29
C LEU A 28 6.21 17.75 5.09
N LYS A 29 6.48 16.61 5.74
CA LYS A 29 7.78 15.98 5.53
C LYS A 29 7.88 15.31 4.13
N LEU A 30 6.77 14.83 3.53
CA LEU A 30 6.78 14.32 2.17
C LEU A 30 7.18 15.39 1.14
N ARG A 31 6.77 16.62 1.40
CA ARG A 31 7.13 17.78 0.58
C ARG A 31 8.60 18.20 0.78
N GLU A 32 9.03 18.16 2.02
CA GLU A 32 10.40 18.51 2.39
C GLU A 32 11.45 17.50 1.94
N ASP A 33 11.31 16.22 2.25
CA ASP A 33 12.28 15.22 1.81
C ASP A 33 12.02 14.64 0.42
N ASP A 34 12.03 15.52 -0.58
CA ASP A 34 11.73 15.21 -1.98
C ASP A 34 12.78 14.55 -2.88
N GLU A 35 14.01 14.56 -2.42
CA GLU A 35 15.14 14.00 -3.14
C GLU A 35 15.27 12.49 -3.15
N TYR A 36 14.66 11.86 -2.14
CA TYR A 36 14.67 10.40 -2.00
C TYR A 36 14.38 9.58 -3.27
N ASP A 37 15.19 8.55 -3.54
CA ASP A 37 15.02 7.67 -4.71
C ASP A 37 14.93 8.42 -6.04
N ASN A 38 15.99 9.20 -6.29
CA ASN A 38 16.08 10.06 -7.46
C ASN A 38 14.87 10.90 -7.78
N TYR A 39 14.52 11.64 -6.74
CA TYR A 39 13.39 12.56 -6.74
C TYR A 39 12.01 11.99 -6.91
N ILE A 40 11.83 10.69 -6.66
CA ILE A 40 10.46 10.14 -6.59
C ILE A 40 9.79 10.61 -5.29
N GLY A 41 10.61 10.69 -4.24
CA GLY A 41 10.16 11.04 -2.92
C GLY A 41 9.63 9.83 -2.15
N TYR A 42 9.26 9.99 -0.89
CA TYR A 42 8.79 8.90 -0.04
C TYR A 42 7.40 8.36 -0.17
N GLY A 43 6.50 9.00 -0.91
CA GLY A 43 5.13 8.53 -1.04
C GLY A 43 4.95 7.07 -1.45
N PRO A 44 5.48 6.59 -2.57
CA PRO A 44 5.31 5.18 -3.00
C PRO A 44 5.79 4.18 -1.94
N VAL A 45 6.99 4.28 -1.33
CA VAL A 45 7.41 3.34 -0.28
C VAL A 45 6.48 3.39 0.94
N LEU A 46 5.85 4.54 1.22
CA LEU A 46 4.89 4.59 2.32
C LEU A 46 3.59 3.90 1.95
N VAL A 47 3.07 3.94 0.70
CA VAL A 47 1.87 3.13 0.49
C VAL A 47 2.27 1.63 0.42
N ARG A 48 3.50 1.29 0.01
CA ARG A 48 3.93 -0.11 0.08
C ARG A 48 4.04 -0.62 1.52
N LEU A 49 4.55 0.21 2.44
CA LEU A 49 4.63 -0.15 3.86
C LEU A 49 3.22 -0.39 4.43
N ALA A 50 2.24 0.47 4.14
CA ALA A 50 0.90 0.26 4.66
C ALA A 50 0.27 -1.03 4.10
N TRP A 51 0.57 -1.38 2.83
CA TRP A 51 0.08 -2.63 2.25
C TRP A 51 0.77 -3.85 2.89
N HIS A 52 2.08 -3.89 3.07
CA HIS A 52 2.76 -5.03 3.69
C HIS A 52 2.45 -5.22 5.18
N ILE A 53 2.16 -4.20 6.00
CA ILE A 53 1.76 -4.48 7.38
C ILE A 53 0.32 -4.99 7.40
N SER A 54 -0.52 -4.72 6.42
CA SER A 54 -1.88 -5.26 6.35
C SER A 54 -1.98 -6.61 5.66
N GLY A 55 -1.09 -6.83 4.69
CA GLY A 55 -1.09 -8.00 3.83
C GLY A 55 -0.76 -9.31 4.52
N THR A 56 -0.32 -9.26 5.78
CA THR A 56 -0.08 -10.47 6.57
C THR A 56 -1.34 -11.08 7.14
N TRP A 57 -2.49 -10.43 6.97
CA TRP A 57 -3.70 -10.94 7.58
C TRP A 57 -4.11 -12.28 7.02
N ASP A 58 -4.68 -13.11 7.89
CA ASP A 58 -5.29 -14.33 7.43
C ASP A 58 -6.73 -14.39 7.91
N LYS A 59 -7.72 -14.33 7.01
CA LYS A 59 -9.13 -14.40 7.37
C LYS A 59 -9.61 -15.60 8.17
N HIS A 60 -8.84 -16.68 8.11
CA HIS A 60 -9.23 -17.94 8.77
C HIS A 60 -9.05 -17.91 10.28
N ASP A 61 -7.98 -17.32 10.79
CA ASP A 61 -7.76 -17.24 12.25
C ASP A 61 -7.55 -15.82 12.78
N ASN A 62 -7.78 -14.82 11.93
CA ASN A 62 -7.60 -13.40 12.22
C ASN A 62 -6.24 -12.99 12.77
N THR A 63 -5.21 -13.76 12.43
CA THR A 63 -3.83 -13.39 12.75
C THR A 63 -3.20 -12.47 11.68
N GLY A 64 -2.11 -11.77 11.97
CA GLY A 64 -1.56 -10.78 11.07
C GLY A 64 -2.44 -9.52 10.96
N GLY A 65 -2.26 -8.75 9.89
CA GLY A 65 -3.10 -7.56 9.72
C GLY A 65 -2.48 -6.34 10.37
N SER A 66 -3.07 -5.18 10.07
CA SER A 66 -2.52 -3.92 10.55
C SER A 66 -2.68 -3.55 12.04
N TYR A 67 -3.64 -4.16 12.73
CA TYR A 67 -3.95 -3.90 14.13
C TYR A 67 -2.77 -3.82 15.11
N GLY A 68 -1.93 -4.82 15.17
CA GLY A 68 -0.90 -4.92 16.18
C GLY A 68 0.37 -4.11 16.00
N GLY A 69 0.63 -3.54 14.83
CA GLY A 69 1.85 -2.78 14.61
C GLY A 69 3.14 -3.56 14.77
N THR A 70 3.04 -4.85 14.48
CA THR A 70 4.13 -5.81 14.72
C THR A 70 5.35 -5.77 13.82
N TYR A 71 5.28 -4.94 12.77
CA TYR A 71 6.43 -4.63 11.91
C TYR A 71 7.58 -3.96 12.69
N ARG A 72 7.28 -3.34 13.85
CA ARG A 72 8.33 -2.80 14.72
C ARG A 72 9.23 -3.92 15.33
N PHE A 73 8.79 -5.19 15.30
CA PHE A 73 9.60 -6.32 15.77
C PHE A 73 10.52 -6.94 14.72
N LYS A 74 11.74 -7.34 15.12
CA LYS A 74 12.77 -7.90 14.22
C LYS A 74 12.32 -8.96 13.19
N LYS A 75 11.50 -9.94 13.60
CA LYS A 75 10.99 -10.98 12.71
C LYS A 75 10.27 -10.40 11.50
N GLU A 76 9.32 -9.50 11.69
CA GLU A 76 8.65 -8.88 10.57
C GLU A 76 9.50 -7.83 9.91
N PHE A 77 10.30 -7.05 10.63
CA PHE A 77 11.16 -6.03 10.02
C PHE A 77 12.22 -6.61 9.07
N ASN A 78 12.68 -7.79 9.44
CA ASN A 78 13.66 -8.54 8.68
C ASN A 78 13.12 -9.59 7.71
N ASP A 79 11.81 -9.63 7.50
CA ASP A 79 11.24 -10.46 6.45
C ASP A 79 11.89 -10.06 5.11
N PRO A 80 12.43 -10.98 4.30
CA PRO A 80 13.02 -10.67 2.97
C PRO A 80 12.04 -9.96 2.05
N SER A 81 10.74 -10.28 2.20
CA SER A 81 9.68 -9.61 1.43
C SER A 81 9.53 -8.13 1.75
N ASN A 82 9.99 -7.67 2.92
CA ASN A 82 9.91 -6.26 3.30
C ASN A 82 11.17 -5.46 2.98
N ALA A 83 12.16 -6.07 2.30
CA ALA A 83 13.39 -5.36 1.99
C ALA A 83 13.18 -4.03 1.27
N GLY A 84 13.80 -2.99 1.81
CA GLY A 84 13.60 -1.64 1.29
C GLY A 84 12.56 -0.86 2.10
N LEU A 85 11.66 -1.49 2.86
CA LEU A 85 10.69 -0.75 3.67
C LEU A 85 11.26 -0.07 4.92
N GLN A 86 12.51 -0.40 5.30
CA GLN A 86 13.21 0.28 6.40
C GLN A 86 13.30 1.76 6.13
N ASN A 87 13.36 2.17 4.86
CA ASN A 87 13.31 3.59 4.46
C ASN A 87 12.00 4.28 4.75
N GLY A 88 10.86 3.60 4.64
CA GLY A 88 9.60 4.19 5.05
C GLY A 88 9.53 4.27 6.59
N PHE A 89 9.97 3.25 7.32
CA PHE A 89 10.04 3.28 8.79
C PHE A 89 10.87 4.45 9.38
N LYS A 90 12.09 4.62 8.86
CA LYS A 90 12.95 5.72 9.26
C LYS A 90 12.38 7.09 8.91
N PHE A 91 11.59 7.22 7.84
CA PHE A 91 10.85 8.44 7.52
C PHE A 91 9.79 8.75 8.60
N LEU A 92 9.04 7.73 9.02
CA LEU A 92 8.02 7.92 10.01
C LEU A 92 8.51 8.06 11.44
N GLU A 93 9.71 7.59 11.76
CA GLU A 93 10.23 7.62 13.12
C GLU A 93 10.35 9.00 13.75
N PRO A 94 10.88 10.08 13.16
CA PRO A 94 10.64 11.45 13.57
C PRO A 94 9.22 11.87 13.94
N ILE A 95 8.22 11.51 13.14
CA ILE A 95 6.83 11.86 13.42
C ILE A 95 6.29 11.09 14.65
N HIS A 96 6.74 9.86 14.89
CA HIS A 96 6.29 9.12 16.07
C HIS A 96 6.91 9.71 17.33
N LYS A 97 8.14 10.20 17.23
CA LYS A 97 8.75 10.90 18.33
C LYS A 97 7.97 12.15 18.69
N GLU A 98 7.49 12.87 17.68
CA GLU A 98 6.67 14.07 17.86
C GLU A 98 5.25 13.79 18.37
N PHE A 99 4.61 12.68 17.98
CA PHE A 99 3.28 12.32 18.48
C PHE A 99 3.34 10.94 19.11
N PRO A 100 3.92 10.79 20.32
CA PRO A 100 4.24 9.50 20.90
C PRO A 100 2.98 8.76 21.36
N TRP A 101 1.87 9.47 21.44
CA TRP A 101 0.56 8.89 21.74
C TRP A 101 -0.08 8.03 20.64
N ILE A 102 0.23 8.20 19.33
CA ILE A 102 -0.39 7.33 18.31
C ILE A 102 0.21 5.92 18.32
N SER A 103 -0.60 4.89 18.19
CA SER A 103 -0.08 3.52 18.08
C SER A 103 0.69 3.25 16.77
N SER A 104 1.54 2.24 16.72
CA SER A 104 2.29 1.91 15.52
C SER A 104 1.41 1.51 14.35
N GLY A 105 0.42 0.62 14.52
CA GLY A 105 -0.50 0.24 13.44
C GLY A 105 -1.21 1.42 12.79
N ASP A 106 -1.63 2.33 13.67
CA ASP A 106 -2.27 3.58 13.20
C ASP A 106 -1.33 4.49 12.45
N LEU A 107 -0.10 4.68 12.94
CA LEU A 107 0.85 5.54 12.23
C LEU A 107 1.26 4.94 10.86
N PHE A 108 1.59 3.63 10.77
CA PHE A 108 1.91 2.95 9.51
C PHE A 108 0.70 2.98 8.57
N SER A 109 -0.54 2.74 9.02
CA SER A 109 -1.64 2.88 8.06
C SER A 109 -1.99 4.30 7.59
N LEU A 110 -1.92 5.31 8.49
CA LEU A 110 -2.16 6.70 8.13
C LEU A 110 -1.06 7.25 7.20
N GLY A 111 0.19 6.81 7.31
CA GLY A 111 1.25 7.15 6.35
C GLY A 111 0.90 6.77 4.89
N GLY A 112 0.32 5.56 4.70
CA GLY A 112 -0.18 5.11 3.41
C GLY A 112 -1.35 5.97 2.94
N VAL A 113 -2.31 6.29 3.82
CA VAL A 113 -3.42 7.19 3.46
C VAL A 113 -2.96 8.58 3.02
N THR A 114 -2.01 9.11 3.80
CA THR A 114 -1.48 10.45 3.55
C THR A 114 -0.72 10.55 2.24
N ALA A 115 0.13 9.56 1.94
CA ALA A 115 0.87 9.49 0.68
C ALA A 115 -0.03 9.45 -0.55
N VAL A 116 -1.06 8.62 -0.56
CA VAL A 116 -2.03 8.55 -1.67
C VAL A 116 -2.76 9.87 -1.91
N GLN A 117 -3.34 10.47 -0.88
CA GLN A 117 -4.01 11.77 -1.04
C GLN A 117 -3.05 12.90 -1.41
N GLU A 118 -1.85 12.94 -0.83
CA GLU A 118 -0.91 13.97 -1.19
C GLU A 118 -0.35 13.78 -2.61
N MET A 119 -0.31 12.55 -3.16
CA MET A 119 0.09 12.33 -4.55
C MET A 119 -1.12 12.44 -5.47
N GLN A 120 -2.16 13.17 -5.06
CA GLN A 120 -3.45 13.36 -5.69
C GLN A 120 -4.36 12.24 -6.12
N GLY A 121 -4.28 11.25 -5.25
CA GLY A 121 -5.15 10.11 -5.33
C GLY A 121 -6.52 10.46 -4.82
N PRO A 122 -7.42 9.48 -4.72
CA PRO A 122 -8.72 9.69 -4.12
C PRO A 122 -8.62 9.87 -2.57
N LYS A 123 -9.60 10.49 -1.91
CA LYS A 123 -9.64 10.51 -0.44
C LYS A 123 -9.77 9.10 0.13
N ILE A 124 -9.03 8.65 1.15
CA ILE A 124 -9.27 7.33 1.74
C ILE A 124 -9.89 7.52 3.15
N PRO A 125 -11.17 7.27 3.48
CA PRO A 125 -11.66 7.19 4.86
C PRO A 125 -10.75 6.36 5.73
N TRP A 126 -10.33 6.86 6.89
CA TRP A 126 -9.45 6.15 7.81
C TRP A 126 -10.04 6.17 9.22
N ARG A 127 -9.89 5.05 9.89
CA ARG A 127 -10.40 4.88 11.22
C ARG A 127 -9.30 4.64 12.24
N CYS A 128 -9.37 5.29 13.43
CA CYS A 128 -8.38 5.07 14.48
C CYS A 128 -8.57 3.96 15.47
N GLY A 129 -7.55 3.57 16.24
CA GLY A 129 -7.87 2.58 17.25
C GLY A 129 -7.11 1.28 17.26
N ARG A 130 -6.16 1.13 16.37
CA ARG A 130 -5.26 -0.02 16.40
C ARG A 130 -4.47 0.06 17.68
N VAL A 131 -4.12 -1.07 18.28
CA VAL A 131 -3.45 -1.14 19.54
C VAL A 131 -2.18 -1.98 19.42
N ASP A 132 -1.01 -1.50 19.85
CA ASP A 132 0.16 -2.34 19.80
C ASP A 132 0.07 -3.62 20.60
N THR A 133 0.52 -4.71 19.99
CA THR A 133 0.44 -6.01 20.62
C THR A 133 1.84 -6.60 20.80
N PRO A 134 2.10 -7.62 21.64
CA PRO A 134 3.44 -8.08 22.02
C PRO A 134 4.26 -8.74 20.93
N GLU A 135 5.59 -8.80 21.02
CA GLU A 135 6.42 -9.46 20.00
C GLU A 135 5.98 -10.86 19.59
N ASP A 136 5.39 -11.61 20.51
CA ASP A 136 4.89 -12.96 20.24
C ASP A 136 3.67 -13.04 19.33
N THR A 137 2.99 -11.91 19.11
CA THR A 137 1.87 -11.82 18.16
C THR A 137 2.34 -11.56 16.71
N THR A 138 3.64 -11.25 16.52
CA THR A 138 4.24 -11.05 15.21
C THR A 138 4.04 -12.23 14.27
N PRO A 139 3.37 -12.09 13.12
CA PRO A 139 3.21 -13.18 12.16
C PRO A 139 4.55 -13.67 11.60
N ASP A 140 4.65 -14.96 11.31
CA ASP A 140 5.87 -15.45 10.65
C ASP A 140 6.09 -14.98 9.20
N ASN A 141 7.34 -14.85 8.78
CA ASN A 141 7.67 -14.63 7.39
C ASN A 141 6.97 -15.53 6.38
N GLY A 142 6.79 -15.08 5.15
CA GLY A 142 6.16 -15.91 4.13
C GLY A 142 4.66 -15.71 3.87
N ARG A 143 4.05 -14.61 4.35
CA ARG A 143 2.63 -14.39 4.09
C ARG A 143 2.34 -13.42 2.98
N LEU A 144 3.40 -12.78 2.53
CA LEU A 144 3.31 -11.84 1.43
C LEU A 144 3.61 -12.48 0.05
N PRO A 145 3.07 -11.98 -1.07
CA PRO A 145 3.04 -12.71 -2.33
C PRO A 145 4.35 -12.70 -3.13
N ASP A 146 4.60 -13.78 -3.87
CA ASP A 146 5.71 -13.80 -4.80
C ASP A 146 5.39 -13.05 -6.10
N ALA A 147 6.37 -12.49 -6.79
CA ALA A 147 6.16 -11.74 -8.02
C ALA A 147 6.25 -12.50 -9.34
N ASP A 148 6.88 -13.64 -9.26
CA ASP A 148 7.16 -14.47 -10.39
C ASP A 148 6.05 -15.47 -10.69
N LYS A 149 4.80 -15.18 -10.39
CA LYS A 149 3.79 -16.20 -10.57
C LYS A 149 2.72 -15.75 -11.54
N ASP A 150 1.64 -16.51 -11.68
CA ASP A 150 0.59 -16.19 -12.66
C ASP A 150 -0.75 -15.76 -12.06
N ALA A 151 -1.74 -15.48 -12.91
CA ALA A 151 -3.08 -15.08 -12.46
C ALA A 151 -3.81 -15.98 -11.46
N GLY A 152 -3.71 -17.30 -11.60
CA GLY A 152 -4.33 -18.21 -10.65
C GLY A 152 -3.72 -18.08 -9.24
N TYR A 153 -2.40 -17.85 -9.19
CA TYR A 153 -1.69 -17.61 -7.95
C TYR A 153 -2.17 -16.31 -7.28
N VAL A 154 -2.19 -15.20 -8.01
CA VAL A 154 -2.73 -13.93 -7.51
C VAL A 154 -4.18 -14.10 -7.01
N ARG A 155 -5.08 -14.77 -7.73
CA ARG A 155 -6.46 -14.91 -7.30
C ARG A 155 -6.56 -15.68 -6.01
N THR A 156 -5.80 -16.77 -5.95
CA THR A 156 -5.77 -17.65 -4.80
C THR A 156 -5.15 -16.98 -3.60
N PHE A 157 -3.97 -16.37 -3.76
CA PHE A 157 -3.35 -15.62 -2.65
C PHE A 157 -4.32 -14.59 -2.04
N PHE A 158 -4.98 -13.77 -2.86
CA PHE A 158 -5.85 -12.72 -2.33
C PHE A 158 -7.17 -13.16 -1.73
N GLN A 159 -7.57 -14.41 -1.98
CA GLN A 159 -8.72 -14.97 -1.26
C GLN A 159 -8.41 -15.07 0.24
N ARG A 160 -7.14 -15.27 0.65
CA ARG A 160 -6.78 -15.30 2.05
C ARG A 160 -7.05 -13.97 2.78
N LEU A 161 -7.00 -12.83 2.07
CA LEU A 161 -7.30 -11.49 2.59
C LEU A 161 -8.72 -11.06 2.18
N ASN A 162 -9.60 -12.05 1.95
CA ASN A 162 -10.75 -11.88 1.06
C ASN A 162 -11.18 -10.64 0.32
N MET A 163 -10.31 -10.58 -0.66
CA MET A 163 -10.43 -9.66 -1.78
C MET A 163 -10.89 -10.48 -3.02
N ASN A 164 -11.85 -9.93 -3.75
CA ASN A 164 -12.35 -10.56 -4.94
C ASN A 164 -11.64 -10.01 -6.18
N ASP A 165 -12.04 -10.38 -7.41
CA ASP A 165 -11.26 -9.99 -8.60
C ASP A 165 -11.19 -8.50 -8.82
N ARG A 166 -12.33 -7.88 -8.59
CA ARG A 166 -12.43 -6.44 -8.75
C ARG A 166 -11.52 -5.64 -7.78
N GLU A 167 -11.56 -6.08 -6.52
CA GLU A 167 -10.74 -5.53 -5.47
C GLU A 167 -9.27 -5.73 -5.74
N VAL A 168 -8.86 -6.94 -6.13
CA VAL A 168 -7.47 -7.21 -6.53
C VAL A 168 -6.98 -6.31 -7.69
N VAL A 169 -7.77 -6.16 -8.75
CA VAL A 169 -7.35 -5.34 -9.90
C VAL A 169 -7.27 -3.86 -9.51
N ALA A 170 -8.25 -3.36 -8.73
CA ALA A 170 -8.21 -1.99 -8.22
C ALA A 170 -6.97 -1.78 -7.33
N LEU A 171 -6.70 -2.63 -6.34
CA LEU A 171 -5.45 -2.57 -5.58
C LEU A 171 -4.15 -2.57 -6.40
N MET A 172 -3.98 -3.43 -7.41
CA MET A 172 -2.77 -3.47 -8.25
C MET A 172 -2.43 -2.19 -9.01
N GLY A 173 -3.39 -1.30 -9.29
CA GLY A 173 -3.21 0.00 -9.91
C GLY A 173 -2.20 0.88 -9.17
N ALA A 174 -1.97 0.62 -7.88
CA ALA A 174 -0.90 1.24 -7.07
C ALA A 174 0.53 0.94 -7.58
N HIS A 175 0.71 -0.13 -8.35
CA HIS A 175 1.99 -0.37 -9.01
C HIS A 175 2.33 0.64 -10.09
N ALA A 176 1.48 1.60 -10.47
CA ALA A 176 1.92 2.76 -11.28
C ALA A 176 2.91 3.65 -10.53
N LEU A 177 2.90 3.57 -9.19
CA LEU A 177 3.73 4.35 -8.29
C LEU A 177 5.11 3.79 -8.04
N GLY A 178 6.14 4.64 -7.94
CA GLY A 178 7.48 4.22 -7.57
C GLY A 178 8.17 3.33 -8.57
N LYS A 179 8.89 2.32 -8.11
CA LYS A 179 9.59 1.44 -9.04
C LYS A 179 10.09 0.19 -8.34
N THR A 180 10.51 -0.81 -9.10
CA THR A 180 11.18 -1.93 -8.48
C THR A 180 12.68 -1.63 -8.46
N HIS A 181 13.32 -2.13 -7.42
CA HIS A 181 14.73 -1.86 -7.15
C HIS A 181 15.39 -3.21 -7.10
N LEU A 182 16.34 -3.48 -8.01
CA LEU A 182 16.99 -4.80 -8.08
C LEU A 182 17.56 -5.32 -6.77
N LYS A 183 18.22 -4.46 -5.99
CA LYS A 183 18.80 -4.92 -4.74
C LYS A 183 17.76 -5.22 -3.65
N ASN A 184 16.50 -4.76 -3.77
CA ASN A 184 15.47 -5.15 -2.81
C ASN A 184 14.71 -6.41 -3.21
N SER A 185 14.32 -6.48 -4.47
CA SER A 185 13.48 -7.57 -4.97
C SER A 185 13.97 -8.45 -6.12
N GLY A 186 15.08 -8.11 -6.78
CA GLY A 186 15.54 -8.85 -7.95
C GLY A 186 14.78 -8.47 -9.21
N TYR A 187 14.07 -7.33 -9.18
CA TYR A 187 13.39 -6.76 -10.32
C TYR A 187 13.81 -5.32 -10.49
N GLU A 188 13.85 -4.77 -11.69
CA GLU A 188 14.30 -3.40 -11.86
C GLU A 188 13.52 -2.55 -12.87
N GLY A 189 13.18 -1.32 -12.47
CA GLY A 189 12.54 -0.37 -13.36
C GLY A 189 11.20 0.21 -12.89
N PRO A 190 10.72 1.30 -13.47
CA PRO A 190 9.42 1.88 -13.20
C PRO A 190 8.36 1.35 -14.14
N GLY A 191 7.09 1.56 -13.86
CA GLY A 191 6.01 1.04 -14.70
C GLY A 191 5.37 2.12 -15.54
N GLY A 192 5.91 3.32 -15.51
CA GLY A 192 5.25 4.41 -16.20
C GLY A 192 6.01 5.71 -16.03
N ALA A 193 5.54 6.76 -16.69
CA ALA A 193 6.16 8.06 -16.59
C ALA A 193 5.76 8.83 -15.34
N ALA A 194 4.49 8.84 -14.92
CA ALA A 194 4.05 9.54 -13.72
C ALA A 194 4.16 8.61 -12.51
N ASN A 195 5.36 8.38 -12.00
CA ASN A 195 5.40 7.46 -10.88
C ASN A 195 5.42 8.00 -9.43
N ASN A 196 5.05 9.28 -9.27
CA ASN A 196 4.75 9.80 -7.94
C ASN A 196 3.52 10.70 -7.99
N VAL A 197 2.67 10.50 -8.99
CA VAL A 197 1.36 11.13 -9.04
C VAL A 197 0.40 9.96 -9.15
N PHE A 198 -0.67 9.84 -8.37
CA PHE A 198 -1.63 8.74 -8.44
C PHE A 198 -2.57 8.87 -9.67
N THR A 199 -2.44 8.01 -10.69
CA THR A 199 -3.32 8.02 -11.89
C THR A 199 -3.76 6.61 -12.30
N ASN A 200 -4.61 6.37 -13.32
CA ASN A 200 -4.84 5.00 -13.80
C ASN A 200 -3.88 4.50 -14.91
N GLU A 201 -2.72 5.14 -15.05
CA GLU A 201 -1.65 4.76 -16.01
C GLU A 201 -1.17 3.31 -15.98
N PHE A 202 -1.20 2.59 -14.86
CA PHE A 202 -0.85 1.19 -14.84
C PHE A 202 -1.70 0.40 -15.84
N TYR A 203 -2.99 0.70 -15.89
CA TYR A 203 -3.92 0.00 -16.77
C TYR A 203 -3.71 0.40 -18.23
N LEU A 204 -3.51 1.70 -18.45
CA LEU A 204 -3.21 2.20 -19.79
C LEU A 204 -1.92 1.62 -20.39
N ASN A 205 -0.84 1.55 -19.61
CA ASN A 205 0.43 0.98 -20.06
C ASN A 205 0.37 -0.52 -20.31
N LEU A 206 -0.33 -1.23 -19.45
CA LEU A 206 -0.53 -2.67 -19.62
C LEU A 206 -1.20 -2.96 -20.98
N LEU A 207 -2.27 -2.24 -21.31
CA LEU A 207 -2.96 -2.42 -22.57
C LEU A 207 -2.29 -1.75 -23.78
N ASN A 208 -1.55 -0.65 -23.65
CA ASN A 208 -1.00 0.02 -24.82
C ASN A 208 0.48 -0.15 -25.12
N GLU A 209 1.29 -0.67 -24.23
CA GLU A 209 2.68 -0.83 -24.54
C GLU A 209 2.94 -2.18 -25.19
N ASP A 210 4.10 -2.18 -25.81
CA ASP A 210 4.62 -3.37 -26.50
C ASP A 210 5.50 -4.11 -25.53
N TRP A 211 4.99 -5.10 -24.82
CA TRP A 211 5.80 -5.78 -23.83
C TRP A 211 6.67 -6.92 -24.33
N LYS A 212 7.88 -7.03 -23.82
CA LYS A 212 8.86 -8.03 -24.19
C LYS A 212 9.35 -8.82 -23.01
N LEU A 213 9.21 -10.14 -22.92
CA LEU A 213 9.72 -10.90 -21.78
C LEU A 213 11.26 -10.98 -21.81
N GLU A 214 11.95 -10.27 -20.91
CA GLU A 214 13.40 -10.35 -20.83
C GLU A 214 14.00 -10.81 -19.50
N LYS A 215 15.28 -11.07 -19.41
CA LYS A 215 15.86 -11.47 -18.14
C LYS A 215 16.70 -10.31 -17.64
N ASN A 216 16.50 -9.94 -16.38
CA ASN A 216 17.24 -8.85 -15.76
C ASN A 216 18.58 -9.27 -15.10
N ASP A 217 19.40 -8.36 -14.58
CA ASP A 217 20.68 -8.72 -13.98
C ASP A 217 20.68 -9.62 -12.76
N ALA A 218 19.54 -9.74 -12.10
CA ALA A 218 19.36 -10.66 -10.98
C ALA A 218 18.90 -12.04 -11.46
N ASN A 219 18.83 -12.19 -12.79
CA ASN A 219 18.42 -13.39 -13.54
C ASN A 219 16.97 -13.78 -13.43
N ASN A 220 16.16 -12.75 -13.19
CA ASN A 220 14.73 -12.93 -13.12
C ASN A 220 14.07 -12.45 -14.39
N GLU A 221 13.01 -13.11 -14.80
CA GLU A 221 12.25 -12.59 -15.93
C GLU A 221 11.25 -11.50 -15.55
N GLN A 222 11.18 -10.51 -16.42
CA GLN A 222 10.21 -9.43 -16.30
C GLN A 222 9.78 -8.92 -17.67
N TRP A 223 8.60 -8.32 -17.75
CA TRP A 223 8.11 -7.75 -18.99
C TRP A 223 8.59 -6.33 -19.22
N ASP A 224 9.37 -6.13 -20.28
CA ASP A 224 9.95 -4.83 -20.61
C ASP A 224 9.42 -4.14 -21.85
N SER A 225 9.33 -2.83 -21.87
CA SER A 225 8.83 -2.11 -23.03
C SER A 225 9.86 -1.17 -23.60
N LYS A 226 9.68 -0.83 -24.88
CA LYS A 226 10.56 0.14 -25.59
C LYS A 226 10.68 1.50 -24.88
N SER A 227 9.61 1.91 -24.24
CA SER A 227 9.58 3.16 -23.49
C SER A 227 10.43 3.19 -22.25
N GLY A 228 11.00 2.08 -21.82
CA GLY A 228 11.77 2.03 -20.56
C GLY A 228 10.96 1.58 -19.32
N TYR A 229 9.74 1.09 -19.52
CA TYR A 229 8.90 0.63 -18.42
C TYR A 229 9.03 -0.87 -18.26
N MET A 230 8.62 -1.37 -17.11
CA MET A 230 8.68 -2.78 -16.84
C MET A 230 7.43 -3.20 -16.11
N MET A 231 7.04 -4.46 -16.21
CA MET A 231 5.93 -5.03 -15.48
C MET A 231 6.43 -6.34 -14.88
N LEU A 232 5.97 -6.65 -13.67
CA LEU A 232 6.30 -7.92 -13.02
C LEU A 232 5.49 -9.06 -13.66
N PRO A 233 5.86 -10.35 -13.57
CA PRO A 233 5.05 -11.46 -14.05
C PRO A 233 3.64 -11.43 -13.49
N THR A 234 3.48 -11.24 -12.17
CA THR A 234 2.13 -11.09 -11.59
C THR A 234 1.39 -9.87 -12.05
N ASP A 235 2.06 -8.79 -12.47
CA ASP A 235 1.37 -7.64 -13.07
C ASP A 235 0.79 -7.87 -14.46
N TYR A 236 1.61 -8.50 -15.29
CA TYR A 236 1.23 -8.86 -16.67
C TYR A 236 0.11 -9.90 -16.72
N SER A 237 0.07 -10.74 -15.66
CA SER A 237 -1.03 -11.67 -15.37
C SER A 237 -2.43 -11.14 -15.54
N LEU A 238 -2.59 -9.85 -15.25
CA LEU A 238 -3.91 -9.23 -15.30
C LEU A 238 -4.45 -9.08 -16.71
N ILE A 239 -3.58 -9.03 -17.74
CA ILE A 239 -4.13 -9.05 -19.09
C ILE A 239 -4.16 -10.48 -19.65
N GLN A 240 -3.53 -11.46 -19.01
CA GLN A 240 -3.61 -12.85 -19.42
C GLN A 240 -4.91 -13.56 -19.00
N ASP A 241 -5.56 -13.12 -17.95
CA ASP A 241 -6.75 -13.78 -17.47
C ASP A 241 -7.97 -13.06 -18.02
N PRO A 242 -9.02 -13.67 -18.58
CA PRO A 242 -10.19 -12.96 -19.11
C PRO A 242 -11.02 -12.18 -18.10
N LYS A 243 -11.26 -12.66 -16.87
CA LYS A 243 -12.01 -11.88 -15.85
C LYS A 243 -11.25 -10.60 -15.46
N TYR A 244 -9.95 -10.76 -15.10
CA TYR A 244 -9.09 -9.63 -14.82
C TYR A 244 -8.94 -8.66 -15.97
N LEU A 245 -8.66 -9.16 -17.19
CA LEU A 245 -8.54 -8.29 -18.34
C LEU A 245 -9.77 -7.43 -18.56
N SER A 246 -11.01 -7.89 -18.45
CA SER A 246 -12.09 -6.91 -18.64
C SER A 246 -12.24 -5.88 -17.52
N ILE A 247 -11.76 -6.10 -16.28
CA ILE A 247 -11.78 -5.01 -15.30
C ILE A 247 -10.63 -4.01 -15.60
N VAL A 248 -9.44 -4.46 -16.02
CA VAL A 248 -8.33 -3.59 -16.51
C VAL A 248 -8.81 -2.61 -17.56
N LYS A 249 -9.55 -3.11 -18.55
CA LYS A 249 -10.14 -2.24 -19.56
C LYS A 249 -11.13 -1.22 -19.00
N GLU A 250 -11.91 -1.63 -18.01
CA GLU A 250 -12.84 -0.72 -17.36
C GLU A 250 -12.10 0.44 -16.67
N TYR A 251 -11.01 0.13 -15.96
CA TYR A 251 -10.23 1.19 -15.31
C TYR A 251 -9.32 1.99 -16.24
N ALA A 252 -8.87 1.45 -17.39
CA ALA A 252 -8.18 2.29 -18.36
C ALA A 252 -9.18 3.20 -19.06
N ASN A 253 -10.46 2.84 -19.15
CA ASN A 253 -11.47 3.73 -19.72
C ASN A 253 -12.25 4.66 -18.80
N ASP A 254 -11.99 4.60 -17.48
CA ASP A 254 -12.71 5.43 -16.51
C ASP A 254 -11.87 5.66 -15.24
N GLN A 255 -11.11 6.75 -15.19
CA GLN A 255 -10.29 7.04 -14.01
C GLN A 255 -11.04 7.31 -12.68
N ASP A 256 -12.23 7.92 -12.73
CA ASP A 256 -13.08 8.11 -11.57
C ASP A 256 -13.57 6.81 -10.91
N LYS A 257 -14.04 5.81 -11.70
CA LYS A 257 -14.39 4.47 -11.20
C LYS A 257 -13.15 3.83 -10.58
N PHE A 258 -11.98 3.83 -11.25
CA PHE A 258 -10.74 3.38 -10.62
C PHE A 258 -10.50 4.04 -9.23
N PHE A 259 -10.47 5.36 -9.15
CA PHE A 259 -10.31 6.07 -7.88
C PHE A 259 -11.32 5.65 -6.79
N LYS A 260 -12.60 5.55 -7.14
CA LYS A 260 -13.65 5.12 -6.23
C LYS A 260 -13.49 3.69 -5.70
N ASP A 261 -13.14 2.75 -6.60
CA ASP A 261 -12.89 1.38 -6.20
C ASP A 261 -11.58 1.17 -5.48
N PHE A 262 -10.54 1.93 -5.80
CA PHE A 262 -9.27 1.82 -5.06
C PHE A 262 -9.45 2.21 -3.58
N SER A 263 -10.15 3.35 -3.40
CA SER A 263 -10.47 3.93 -2.09
C SER A 263 -11.17 2.94 -1.17
N LYS A 264 -12.24 2.30 -1.67
CA LYS A 264 -12.88 1.22 -0.92
C LYS A 264 -12.01 0.00 -0.64
N ALA A 265 -11.23 -0.50 -1.59
CA ALA A 265 -10.41 -1.68 -1.34
C ALA A 265 -9.18 -1.42 -0.49
N PHE A 266 -8.59 -0.21 -0.54
CA PHE A 266 -7.45 0.14 0.32
C PHE A 266 -7.94 0.36 1.78
N GLU A 267 -9.09 0.98 2.02
CA GLU A 267 -9.63 1.11 3.37
C GLU A 267 -9.90 -0.29 3.92
N LYS A 268 -10.58 -1.14 3.13
CA LYS A 268 -10.88 -2.51 3.54
C LYS A 268 -9.60 -3.26 3.87
N LEU A 269 -8.57 -3.10 3.04
CA LEU A 269 -7.25 -3.71 3.29
C LEU A 269 -6.68 -3.35 4.67
N LEU A 270 -6.78 -2.04 4.95
CA LEU A 270 -6.22 -1.45 6.16
C LEU A 270 -7.01 -1.78 7.42
N GLU A 271 -8.28 -2.13 7.25
CA GLU A 271 -9.20 -2.47 8.34
C GLU A 271 -9.44 -3.93 8.60
N ASP A 272 -9.02 -4.84 7.69
CA ASP A 272 -9.18 -6.28 7.90
C ASP A 272 -8.66 -6.75 9.29
N GLY A 273 -9.52 -7.50 9.99
CA GLY A 273 -9.17 -8.03 11.31
C GLY A 273 -9.63 -7.22 12.52
N ILE A 274 -9.96 -5.97 12.30
CA ILE A 274 -10.36 -5.06 13.37
C ILE A 274 -11.88 -4.97 13.54
N THR A 275 -12.26 -5.15 14.81
CA THR A 275 -13.64 -4.97 15.26
C THR A 275 -13.78 -3.56 15.79
N PHE A 276 -14.66 -2.78 15.19
CA PHE A 276 -14.94 -1.44 15.66
C PHE A 276 -16.26 -1.45 16.44
N PRO A 277 -16.31 -1.19 17.77
CA PRO A 277 -17.53 -1.01 18.59
C PRO A 277 -18.57 -0.01 18.06
N LYS A 278 -19.90 -0.10 18.22
CA LYS A 278 -20.77 0.89 17.57
C LYS A 278 -20.72 2.33 18.10
N ASP A 279 -20.13 2.51 19.26
CA ASP A 279 -19.87 3.85 19.79
C ASP A 279 -18.51 4.42 19.33
N ALA A 280 -17.79 3.69 18.48
CA ALA A 280 -16.53 4.17 17.96
C ALA A 280 -16.81 5.34 17.00
N PRO A 281 -15.93 6.36 16.83
CA PRO A 281 -16.16 7.43 15.88
C PRO A 281 -16.22 6.96 14.42
N SER A 282 -16.96 7.73 13.62
CA SER A 282 -16.93 7.53 12.19
C SER A 282 -15.54 7.58 11.57
N PRO A 283 -15.35 7.05 10.36
CA PRO A 283 -14.11 7.22 9.64
C PRO A 283 -13.81 8.69 9.38
N PHE A 284 -12.57 9.07 9.57
CA PHE A 284 -12.14 10.43 9.27
C PHE A 284 -11.81 10.63 7.78
N ILE A 285 -12.17 11.74 7.18
CA ILE A 285 -11.73 12.11 5.84
C ILE A 285 -10.75 13.28 6.07
N PHE A 286 -9.45 13.12 5.93
CA PHE A 286 -8.51 14.24 6.12
C PHE A 286 -8.33 15.15 4.95
N LYS A 287 -8.25 16.43 5.24
CA LYS A 287 -7.96 17.41 4.22
C LYS A 287 -6.51 17.37 3.79
N THR A 288 -6.25 17.64 2.53
CA THR A 288 -4.87 17.70 2.08
C THR A 288 -4.18 19.06 2.44
N LEU A 289 -2.86 19.19 2.43
CA LEU A 289 -2.23 20.50 2.63
C LEU A 289 -2.76 21.57 1.67
N GLU A 290 -2.97 21.14 0.43
CA GLU A 290 -3.53 21.98 -0.60
C GLU A 290 -4.93 22.47 -0.26
N GLU A 291 -5.83 21.62 0.21
CA GLU A 291 -7.16 22.10 0.59
C GLU A 291 -7.13 23.02 1.82
N GLN A 292 -6.07 22.89 2.62
CA GLN A 292 -5.83 23.72 3.78
C GLN A 292 -5.06 25.00 3.49
N GLY A 293 -4.52 25.17 2.28
CA GLY A 293 -3.67 26.30 1.93
C GLY A 293 -2.32 26.29 2.64
N LEU A 294 -1.91 25.11 3.10
CA LEU A 294 -0.66 24.92 3.80
C LEU A 294 0.54 24.57 2.94
CHA HEM B . 6.62 -2.45 -5.16
CHB HEM B . 5.33 -7.02 -5.57
CHC HEM B . 0.78 -5.83 -4.72
CHD HEM B . 2.18 -1.35 -3.82
C1A HEM B . 6.71 -3.84 -5.43
C2A HEM B . 7.88 -4.54 -5.68
C3A HEM B . 7.49 -5.86 -5.79
C4A HEM B . 6.13 -5.87 -5.61
CMA HEM B . 8.37 -7.06 -6.06
CAA HEM B . 9.30 -3.97 -5.78
CBA HEM B . 9.95 -3.72 -4.43
CGA HEM B . 11.30 -3.09 -4.57
O1A HEM B . 12.17 -3.59 -5.27
O2A HEM B . 11.56 -2.04 -4.01
C1B HEM B . 3.96 -7.14 -5.37
C2B HEM B . 3.27 -8.33 -5.51
C3B HEM B . 1.92 -7.97 -5.36
C4B HEM B . 1.91 -6.62 -5.05
CMB HEM B . 3.97 -9.64 -5.86
CAB HEM B . 0.74 -8.73 -5.50
CBB HEM B . 0.62 -10.09 -5.99
C1C HEM B . 0.75 -4.50 -4.29
C2C HEM B . -0.39 -3.86 -3.82
C3C HEM B . 0.06 -2.56 -3.45
C4C HEM B . 1.40 -2.50 -3.83
CMC HEM B . -1.75 -4.55 -3.62
CAC HEM B . -0.59 -1.46 -2.85
CBC HEM B . -2.03 -1.25 -2.67
C1D HEM B . 3.51 -1.16 -4.23
C2D HEM B . 4.17 0.06 -4.36
C3D HEM B . 5.47 -0.26 -4.75
C4D HEM B . 5.50 -1.66 -4.84
CMD HEM B . 3.58 1.46 -4.17
CAD HEM B . 6.59 0.72 -5.03
CBD HEM B . 7.59 0.80 -3.90
CGD HEM B . 8.76 1.77 -4.14
O1D HEM B . 9.73 1.70 -3.40
O2D HEM B . 8.73 2.59 -5.03
NA HEM B . 5.64 -4.65 -5.46
NB HEM B . 3.15 -6.12 -5.08
NC HEM B . 1.83 -3.71 -4.21
ND HEM B . 4.31 -2.17 -4.61
FE HEM B . 3.74 -4.15 -4.85
N1 2EZ C . 5.35 -3.49 -10.39
C2 2EZ C . 5.74 -2.43 -11.11
N3 2EZ C . 6.26 -1.56 -10.21
C4 2EZ C . 6.19 -2.07 -8.93
C5 2EZ C . 5.60 -3.30 -9.03
C6 2EZ C . 5.63 -2.25 -12.59
C7 2EZ C . 4.17 -1.91 -12.96
#